data_5OXS
#
_entry.id   5OXS
#
_cell.length_a   55.679
_cell.length_b   108.510
_cell.length_c   56.170
_cell.angle_alpha   90.000
_cell.angle_beta   92.890
_cell.angle_gamma   90.000
#
_symmetry.space_group_name_H-M   'P 1 21 1'
#
loop_
_entity.id
_entity.type
_entity.pdbx_description
1 polymer 'Pulmonary surfactant-associated protein D'
2 branched 'alpha-D-glucopyranose-(1-3)-L-glycero-alpha-D-manno-heptopyranose-(1-3)-L-glycero-alpha-D-manno-heptopyranose-(1-5)-4,7-anhydro-3-deoxy-D-gluco-oct-2-ulosonic acid'
3 non-polymer 'CALCIUM ION'
4 water water
#
_entity_poly.entity_id   1
_entity_poly.type   'polypeptide(L)'
_entity_poly.pdbx_seq_one_letter_code
;GSPGLKGDKGIPGDKGAKGESGLPDVASLRQQVEALQGQVQHLQAAFSQYKKVELFPNGQSVGEKIFKTAGFVKPFTEAQ
LLCTQAGGQLASPRSAAENAALQQLVVAKNEAAFLSMTDSKTEGKFTYPTGESLVYSNWAPGEPNDDGGSEDCVEIFTNG
KWNDRACGEKRLVVCEF
;
_entity_poly.pdbx_strand_id   A,B,C
#
# COMPACT_ATOMS: atom_id res chain seq x y z
N VAL A 26 -19.14 -24.03 32.18
CA VAL A 26 -19.08 -24.97 31.02
C VAL A 26 -20.15 -24.63 29.96
N ALA A 27 -21.35 -24.28 30.41
CA ALA A 27 -22.41 -23.75 29.54
C ALA A 27 -22.10 -22.31 29.13
N SER A 28 -21.57 -21.53 30.07
CA SER A 28 -21.06 -20.19 29.76
C SER A 28 -19.81 -20.27 28.87
N LEU A 29 -18.91 -21.21 29.16
CA LEU A 29 -17.71 -21.41 28.33
C LEU A 29 -18.02 -21.74 26.87
N ARG A 30 -19.03 -22.58 26.65
CA ARG A 30 -19.44 -22.97 25.30
C ARG A 30 -19.96 -21.77 24.51
N GLN A 31 -20.79 -20.96 25.16
CA GLN A 31 -21.28 -19.71 24.57
C GLN A 31 -20.13 -18.78 24.17
N GLN A 32 -19.13 -18.67 25.05
CA GLN A 32 -17.97 -17.80 24.81
C GLN A 32 -17.08 -18.34 23.67
N VAL A 33 -16.88 -19.67 23.67
CA VAL A 33 -16.12 -20.34 22.60
C VAL A 33 -16.82 -20.22 21.25
N GLU A 34 -18.12 -20.47 21.22
CA GLU A 34 -18.92 -20.34 19.99
C GLU A 34 -18.86 -18.92 19.43
N ALA A 35 -18.88 -17.92 20.31
CA ALA A 35 -18.74 -16.51 19.91
C ALA A 35 -17.35 -16.23 19.31
N LEU A 36 -16.31 -16.73 19.94
CA LEU A 36 -14.94 -16.61 19.41
C LEU A 36 -14.79 -17.23 18.02
N GLN A 37 -15.43 -18.38 17.77
CA GLN A 37 -15.36 -19.00 16.43
C GLN A 37 -15.79 -18.01 15.32
N GLY A 38 -16.89 -17.28 15.55
CA GLY A 38 -17.41 -16.32 14.57
C GLY A 38 -16.54 -15.07 14.44
N GLN A 39 -16.05 -14.56 15.58
CA GLN A 39 -15.17 -13.39 15.58
C GLN A 39 -13.88 -13.66 14.81
N VAL A 40 -13.26 -14.82 15.07
CA VAL A 40 -12.00 -15.20 14.40
C VAL A 40 -12.22 -15.45 12.91
N GLN A 41 -13.30 -16.13 12.55
CA GLN A 41 -13.64 -16.35 11.14
C GLN A 41 -13.75 -15.00 10.39
N HIS A 42 -14.48 -14.05 10.98
CA HIS A 42 -14.70 -12.75 10.33
C HIS A 42 -13.41 -11.94 10.24
N LEU A 43 -12.56 -12.04 11.27
CA LEU A 43 -11.26 -11.35 11.26
C LEU A 43 -10.31 -11.93 10.19
N GLN A 44 -10.23 -13.25 10.07
CA GLN A 44 -9.38 -13.86 9.05
C GLN A 44 -9.84 -13.48 7.63
N ALA A 45 -11.13 -13.42 7.40
CA ALA A 45 -11.65 -13.05 6.07
C ALA A 45 -11.27 -11.59 5.73
N ALA A 46 -11.50 -10.70 6.68
CA ALA A 46 -11.17 -9.28 6.47
C ALA A 46 -9.68 -9.10 6.26
N PHE A 47 -8.86 -9.78 7.08
CA PHE A 47 -7.41 -9.70 6.95
C PHE A 47 -6.92 -10.18 5.58
N SER A 48 -7.41 -11.34 5.13
CA SER A 48 -7.09 -11.90 3.81
CA SER A 48 -6.99 -11.86 3.84
C SER A 48 -7.38 -10.94 2.67
N GLN A 49 -8.54 -10.27 2.76
CA GLN A 49 -8.96 -9.30 1.72
C GLN A 49 -8.02 -8.08 1.70
N TYR A 50 -7.73 -7.51 2.87
CA TYR A 50 -6.81 -6.35 2.94
C TYR A 50 -5.37 -6.73 2.51
N LYS A 51 -4.95 -7.96 2.78
CA LYS A 51 -3.63 -8.42 2.34
C LYS A 51 -3.52 -8.49 0.80
N LYS A 52 -4.59 -8.94 0.13
CA LYS A 52 -4.62 -8.92 -1.35
C LYS A 52 -4.53 -7.51 -1.89
N VAL A 53 -5.33 -6.61 -1.32
CA VAL A 53 -5.33 -5.20 -1.68
C VAL A 53 -3.93 -4.57 -1.49
N GLU A 54 -3.27 -4.93 -0.39
CA GLU A 54 -1.94 -4.41 -0.06
C GLU A 54 -0.91 -4.67 -1.16
N LEU A 55 -0.97 -5.87 -1.73
CA LEU A 55 0.03 -6.30 -2.71
C LEU A 55 -0.21 -5.78 -4.14
N PHE A 56 -1.36 -5.16 -4.40
CA PHE A 56 -1.62 -4.58 -5.73
C PHE A 56 -1.26 -3.08 -5.76
N PRO A 57 -0.35 -2.59 -6.62
CA PRO A 57 0.34 -3.32 -7.71
C PRO A 57 1.84 -3.54 -7.45
N ASN A 58 2.30 -3.29 -6.23
CA ASN A 58 3.75 -3.24 -5.95
C ASN A 58 4.31 -4.41 -5.15
N GLY A 59 3.50 -5.46 -4.93
CA GLY A 59 3.92 -6.65 -4.20
C GLY A 59 3.63 -7.98 -4.88
N GLN A 60 4.29 -9.01 -4.38
CA GLN A 60 4.07 -10.39 -4.81
C GLN A 60 4.28 -11.33 -3.65
N SER A 61 3.33 -12.25 -3.45
CA SER A 61 3.40 -13.28 -2.41
C SER A 61 3.83 -14.61 -3.04
N VAL A 62 4.77 -15.31 -2.41
CA VAL A 62 5.18 -16.66 -2.85
C VAL A 62 5.53 -17.50 -1.62
N GLY A 63 4.72 -18.52 -1.35
CA GLY A 63 4.81 -19.26 -0.10
C GLY A 63 4.62 -18.32 1.08
N GLU A 64 5.56 -18.36 2.01
CA GLU A 64 5.52 -17.51 3.21
C GLU A 64 6.24 -16.17 2.99
N LYS A 65 6.81 -15.96 1.80
CA LYS A 65 7.62 -14.75 1.51
C LYS A 65 6.77 -13.70 0.80
N ILE A 66 7.03 -12.42 1.10
CA ILE A 66 6.39 -11.31 0.36
C ILE A 66 7.48 -10.39 -0.18
N PHE A 67 7.47 -10.13 -1.49
CA PHE A 67 8.33 -9.09 -2.12
C PHE A 67 7.49 -7.82 -2.25
N LYS A 68 8.11 -6.65 -2.01
CA LYS A 68 7.46 -5.38 -2.25
C LYS A 68 8.48 -4.37 -2.77
N THR A 69 8.15 -3.70 -3.88
CA THR A 69 9.05 -2.68 -4.43
C THR A 69 8.71 -1.31 -3.89
N ALA A 70 9.76 -0.50 -3.66
CA ALA A 70 9.60 0.91 -3.30
C ALA A 70 9.24 1.77 -4.50
N GLY A 71 9.49 1.28 -5.71
CA GLY A 71 9.13 1.99 -6.93
C GLY A 71 10.15 3.01 -7.42
N PHE A 72 11.32 3.06 -6.78
CA PHE A 72 12.39 3.97 -7.20
C PHE A 72 13.73 3.24 -7.17
N VAL A 73 14.76 3.88 -7.74
CA VAL A 73 16.13 3.30 -7.79
C VAL A 73 17.09 3.94 -6.77
N LYS A 74 18.02 3.12 -6.27
CA LYS A 74 19.07 3.54 -5.34
C LYS A 74 20.36 2.72 -5.56
N PRO A 75 21.53 3.26 -5.15
CA PRO A 75 22.73 2.44 -5.07
C PRO A 75 22.59 1.34 -3.99
N PHE A 76 23.41 0.30 -4.10
CA PHE A 76 23.25 -0.87 -3.22
C PHE A 76 23.23 -0.58 -1.72
N THR A 77 24.20 0.18 -1.20
N THR A 77 24.20 0.20 -1.24
CA THR A 77 24.27 0.38 0.26
CA THR A 77 24.30 0.47 0.20
C THR A 77 23.04 1.14 0.79
C THR A 77 23.05 1.13 0.76
N GLU A 78 22.54 2.12 0.03
CA GLU A 78 21.29 2.82 0.40
C GLU A 78 20.05 1.90 0.32
N ALA A 79 19.99 1.08 -0.73
CA ALA A 79 18.90 0.10 -0.90
C ALA A 79 18.90 -0.91 0.25
N GLN A 80 20.09 -1.43 0.60
CA GLN A 80 20.24 -2.37 1.69
C GLN A 80 19.75 -1.78 3.02
N LEU A 81 20.09 -0.52 3.27
CA LEU A 81 19.70 0.15 4.51
C LEU A 81 18.21 0.38 4.57
N LEU A 82 17.59 0.75 3.46
CA LEU A 82 16.13 0.91 3.41
C LEU A 82 15.42 -0.38 3.83
N CYS A 83 15.83 -1.50 3.25
CA CYS A 83 15.16 -2.79 3.56
C CYS A 83 15.39 -3.20 5.02
N THR A 84 16.60 -3.06 5.54
N THR A 84 16.61 -3.04 5.51
CA THR A 84 16.90 -3.47 6.91
CA THR A 84 16.98 -3.39 6.89
C THR A 84 16.19 -2.57 7.94
C THR A 84 16.18 -2.58 7.90
N GLN A 85 16.11 -1.26 7.68
CA GLN A 85 15.36 -0.33 8.55
C GLN A 85 13.84 -0.60 8.54
N ALA A 86 13.35 -1.17 7.43
CA ALA A 86 11.93 -1.58 7.33
C ALA A 86 11.64 -2.94 7.97
N GLY A 87 12.65 -3.61 8.51
CA GLY A 87 12.48 -4.95 9.11
C GLY A 87 12.53 -6.12 8.15
N GLY A 88 13.06 -5.89 6.93
CA GLY A 88 13.25 -6.96 5.96
C GLY A 88 14.69 -7.03 5.49
N GLN A 89 14.86 -7.49 4.27
CA GLN A 89 16.17 -7.47 3.59
C GLN A 89 15.95 -7.33 2.10
N LEU A 90 17.02 -7.08 1.35
CA LEU A 90 16.88 -7.03 -0.11
C LEU A 90 16.44 -8.38 -0.65
N ALA A 91 15.71 -8.34 -1.78
CA ALA A 91 15.19 -9.55 -2.44
C ALA A 91 16.26 -10.64 -2.54
N SER A 92 15.91 -11.85 -2.07
CA SER A 92 16.83 -12.98 -2.00
C SER A 92 16.13 -14.25 -2.52
N PRO A 93 15.96 -14.38 -3.85
CA PRO A 93 15.27 -15.57 -4.40
C PRO A 93 16.04 -16.87 -4.18
N ARG A 94 15.41 -17.83 -3.50
CA ARG A 94 16.02 -19.10 -3.12
C ARG A 94 15.49 -20.29 -3.94
N SER A 95 14.65 -20.02 -4.94
CA SER A 95 14.08 -21.04 -5.83
C SER A 95 13.62 -20.41 -7.13
N ALA A 96 13.38 -21.27 -8.13
CA ALA A 96 12.79 -20.83 -9.41
C ALA A 96 11.44 -20.10 -9.24
N ALA A 97 10.58 -20.62 -8.37
CA ALA A 97 9.28 -20.00 -8.06
C ALA A 97 9.45 -18.61 -7.45
N GLU A 98 10.36 -18.47 -6.49
CA GLU A 98 10.66 -17.14 -5.93
C GLU A 98 11.22 -16.18 -7.00
N ASN A 99 12.12 -16.68 -7.86
CA ASN A 99 12.71 -15.85 -8.91
C ASN A 99 11.66 -15.32 -9.89
N ALA A 100 10.70 -16.18 -10.24
CA ALA A 100 9.62 -15.82 -11.15
C ALA A 100 8.69 -14.76 -10.57
N ALA A 101 8.40 -14.87 -9.26
CA ALA A 101 7.61 -13.87 -8.54
C ALA A 101 8.31 -12.51 -8.53
N LEU A 102 9.60 -12.51 -8.23
CA LEU A 102 10.39 -11.29 -8.30
C LEU A 102 10.43 -10.71 -9.72
N GLN A 103 10.65 -11.58 -10.71
CA GLN A 103 10.65 -11.18 -12.12
C GLN A 103 9.38 -10.38 -12.53
N GLN A 104 8.23 -10.75 -11.97
CA GLN A 104 6.98 -10.03 -12.27
C GLN A 104 7.03 -8.54 -11.92
N LEU A 105 7.60 -8.20 -10.76
CA LEU A 105 7.75 -6.80 -10.36
C LEU A 105 8.74 -6.02 -11.21
N VAL A 106 9.84 -6.68 -11.59
CA VAL A 106 10.86 -6.08 -12.42
C VAL A 106 10.26 -5.73 -13.79
N VAL A 107 9.51 -6.69 -14.34
CA VAL A 107 8.81 -6.50 -15.63
C VAL A 107 7.77 -5.37 -15.53
N ALA A 108 6.99 -5.36 -14.45
CA ALA A 108 5.98 -4.32 -14.23
C ALA A 108 6.55 -2.91 -14.19
N LYS A 109 7.68 -2.72 -13.49
CA LYS A 109 8.34 -1.42 -13.40
C LYS A 109 9.32 -1.16 -14.56
N ASN A 110 9.63 -2.20 -15.35
CA ASN A 110 10.61 -2.11 -16.44
C ASN A 110 11.95 -1.55 -15.96
N GLU A 111 12.41 -2.05 -14.81
CA GLU A 111 13.64 -1.58 -14.15
C GLU A 111 14.32 -2.77 -13.45
N ALA A 112 15.55 -3.06 -13.86
CA ALA A 112 16.33 -4.11 -13.20
C ALA A 112 16.52 -3.75 -11.73
N ALA A 113 16.54 -4.78 -10.87
CA ALA A 113 16.60 -4.64 -9.41
C ALA A 113 17.86 -5.28 -8.82
N PHE A 114 18.34 -4.74 -7.68
CA PHE A 114 19.39 -5.41 -6.90
C PHE A 114 18.83 -6.60 -6.12
N LEU A 115 19.66 -7.65 -6.00
CA LEU A 115 19.45 -8.71 -5.03
C LEU A 115 20.28 -8.41 -3.76
N SER A 116 20.11 -9.21 -2.71
CA SER A 116 20.84 -8.99 -1.45
C SER A 116 22.29 -9.47 -1.50
N MET A 117 22.61 -10.38 -2.42
CA MET A 117 23.82 -11.19 -2.33
C MET A 117 25.05 -10.50 -2.93
N THR A 118 26.20 -10.72 -2.30
CA THR A 118 27.48 -10.11 -2.70
C THR A 118 28.62 -11.12 -2.62
N ASP A 119 29.68 -10.87 -3.38
CA ASP A 119 30.97 -11.58 -3.19
C ASP A 119 32.08 -10.67 -2.66
N SER A 120 31.71 -9.70 -1.83
CA SER A 120 32.66 -8.73 -1.30
C SER A 120 33.76 -9.38 -0.46
N LYS A 121 33.40 -10.36 0.36
CA LYS A 121 34.34 -10.98 1.30
C LYS A 121 35.33 -11.94 0.61
N THR A 122 34.82 -12.79 -0.27
CA THR A 122 35.64 -13.74 -1.04
C THR A 122 35.24 -13.67 -2.52
N GLU A 123 36.10 -13.10 -3.37
CA GLU A 123 35.79 -12.94 -4.80
C GLU A 123 35.36 -14.26 -5.45
N GLY A 124 34.25 -14.23 -6.20
CA GLY A 124 33.70 -15.42 -6.82
C GLY A 124 32.72 -16.25 -5.99
N LYS A 125 32.62 -16.00 -4.69
CA LYS A 125 31.76 -16.75 -3.77
C LYS A 125 30.64 -15.84 -3.27
N PHE A 126 29.48 -15.90 -3.92
CA PHE A 126 28.33 -15.06 -3.55
C PHE A 126 27.60 -15.63 -2.34
N THR A 127 27.28 -14.76 -1.38
CA THR A 127 26.59 -15.16 -0.17
C THR A 127 25.39 -14.26 0.14
N TYR A 128 24.46 -14.81 0.91
CA TYR A 128 23.37 -14.03 1.52
C TYR A 128 23.94 -13.13 2.63
N PRO A 129 23.15 -12.16 3.13
CA PRO A 129 23.60 -11.30 4.23
C PRO A 129 24.07 -12.04 5.50
N THR A 130 23.59 -13.25 5.73
CA THR A 130 24.05 -14.12 6.82
C THR A 130 25.47 -14.72 6.64
N GLY A 131 25.99 -14.74 5.42
CA GLY A 131 27.25 -15.43 5.11
C GLY A 131 27.07 -16.80 4.48
N GLU A 132 25.85 -17.32 4.50
CA GLU A 132 25.49 -18.59 3.85
C GLU A 132 25.69 -18.55 2.31
N SER A 133 26.26 -19.62 1.75
CA SER A 133 26.44 -19.75 0.29
C SER A 133 25.11 -19.95 -0.42
N LEU A 134 25.07 -19.62 -1.72
CA LEU A 134 23.82 -19.66 -2.50
C LEU A 134 23.21 -21.07 -2.56
N VAL A 135 21.88 -21.18 -2.43
CA VAL A 135 21.17 -22.46 -2.65
C VAL A 135 20.47 -22.53 -4.03
N TYR A 136 20.53 -21.42 -4.78
CA TYR A 136 19.87 -21.26 -6.07
C TYR A 136 20.58 -20.12 -6.83
N SER A 137 20.68 -20.25 -8.14
CA SER A 137 21.18 -19.17 -9.00
C SER A 137 20.54 -19.20 -10.38
N ASN A 138 20.52 -18.05 -11.05
CA ASN A 138 19.96 -17.92 -12.41
C ASN A 138 20.81 -16.98 -13.29
N TRP A 139 22.11 -17.24 -13.31
CA TRP A 139 23.08 -16.40 -14.01
C TRP A 139 22.83 -16.42 -15.53
N ALA A 140 22.87 -15.23 -16.13
CA ALA A 140 22.88 -15.11 -17.60
C ALA A 140 24.18 -15.71 -18.15
N PRO A 141 24.18 -16.10 -19.45
CA PRO A 141 25.37 -16.67 -20.09
C PRO A 141 26.60 -15.80 -19.91
N GLY A 142 27.69 -16.38 -19.45
CA GLY A 142 28.94 -15.66 -19.26
C GLY A 142 29.10 -14.98 -17.90
N GLU A 143 28.06 -15.03 -17.06
CA GLU A 143 28.08 -14.35 -15.75
C GLU A 143 28.18 -15.40 -14.64
N PRO A 144 28.73 -15.04 -13.46
CA PRO A 144 29.24 -13.71 -13.13
C PRO A 144 30.67 -13.52 -13.62
N ASN A 145 30.98 -12.36 -14.20
CA ASN A 145 32.31 -12.12 -14.83
C ASN A 145 33.24 -11.12 -14.14
N ASP A 146 32.81 -10.51 -13.03
CA ASP A 146 33.60 -9.51 -12.33
C ASP A 146 34.22 -8.46 -13.26
N ASP A 147 33.36 -7.82 -14.07
CA ASP A 147 33.80 -6.82 -15.06
C ASP A 147 34.59 -5.66 -14.43
N GLY A 148 35.71 -5.34 -15.05
CA GLY A 148 36.62 -4.34 -14.52
C GLY A 148 37.33 -4.73 -13.23
N GLY A 149 37.23 -6.00 -12.82
CA GLY A 149 37.77 -6.45 -11.55
C GLY A 149 36.96 -5.97 -10.33
N SER A 150 35.72 -5.51 -10.55
CA SER A 150 35.00 -4.85 -9.47
C SER A 150 33.46 -4.86 -9.64
N GLU A 151 32.89 -6.05 -9.78
CA GLU A 151 31.43 -6.23 -9.73
C GLU A 151 31.12 -7.20 -8.59
N ASP A 152 30.68 -6.66 -7.46
CA ASP A 152 30.44 -7.49 -6.28
C ASP A 152 28.96 -7.60 -5.85
N CYS A 153 28.06 -6.93 -6.56
CA CYS A 153 26.61 -6.98 -6.30
C CYS A 153 25.94 -7.69 -7.48
N VAL A 154 24.63 -7.92 -7.40
CA VAL A 154 23.89 -8.66 -8.43
C VAL A 154 22.59 -7.92 -8.82
N GLU A 155 22.38 -7.77 -10.12
CA GLU A 155 21.10 -7.27 -10.69
C GLU A 155 20.30 -8.42 -11.34
N ILE A 156 18.97 -8.33 -11.28
CA ILE A 156 18.05 -9.23 -11.99
C ILE A 156 17.37 -8.41 -13.11
N PHE A 157 17.45 -8.92 -14.34
CA PHE A 157 16.87 -8.29 -15.53
C PHE A 157 15.38 -8.62 -15.70
N THR A 158 14.73 -7.96 -16.67
CA THR A 158 13.32 -8.27 -17.01
C THR A 158 13.06 -9.70 -17.48
N ASN A 159 14.08 -10.36 -18.05
CA ASN A 159 13.97 -11.78 -18.40
C ASN A 159 14.24 -12.75 -17.22
N GLY A 160 14.50 -12.22 -16.01
CA GLY A 160 14.70 -13.04 -14.82
C GLY A 160 16.12 -13.53 -14.59
N LYS A 161 17.00 -13.35 -15.58
CA LYS A 161 18.40 -13.75 -15.46
C LYS A 161 19.22 -12.73 -14.66
N TRP A 162 20.33 -13.22 -14.08
CA TRP A 162 21.17 -12.43 -13.18
C TRP A 162 22.49 -12.01 -13.83
N ASN A 163 22.98 -10.84 -13.44
CA ASN A 163 24.28 -10.32 -13.86
C ASN A 163 24.96 -9.66 -12.66
N ASP A 164 26.24 -9.95 -12.43
CA ASP A 164 26.98 -9.20 -11.41
C ASP A 164 27.27 -7.80 -11.94
N ARG A 165 27.18 -6.83 -11.04
CA ARG A 165 27.22 -5.40 -11.38
C ARG A 165 27.88 -4.63 -10.24
N ALA A 166 28.48 -3.49 -10.58
CA ALA A 166 29.11 -2.65 -9.56
C ALA A 166 28.07 -2.16 -8.54
N CYS A 167 28.44 -2.22 -7.27
CA CYS A 167 27.52 -1.84 -6.17
C CYS A 167 27.13 -0.35 -6.15
N GLY A 168 27.95 0.49 -6.79
CA GLY A 168 27.64 1.92 -6.89
C GLY A 168 26.59 2.34 -7.91
N GLU A 169 26.20 1.43 -8.81
CA GLU A 169 25.14 1.71 -9.79
C GLU A 169 23.80 1.76 -9.06
N LYS A 170 22.82 2.43 -9.68
CA LYS A 170 21.46 2.57 -9.12
C LYS A 170 20.49 1.58 -9.76
N ARG A 171 19.75 0.84 -8.93
CA ARG A 171 18.78 -0.16 -9.42
C ARG A 171 17.49 -0.13 -8.59
N LEU A 172 16.44 -0.73 -9.12
CA LEU A 172 15.12 -0.80 -8.43
C LEU A 172 15.26 -1.43 -7.06
N VAL A 173 14.67 -0.79 -6.04
CA VAL A 173 14.70 -1.29 -4.68
C VAL A 173 13.51 -2.24 -4.45
N VAL A 174 13.80 -3.51 -4.17
CA VAL A 174 12.79 -4.51 -3.86
C VAL A 174 13.22 -5.23 -2.57
N CYS A 175 12.38 -5.14 -1.53
CA CYS A 175 12.66 -5.82 -0.26
C CYS A 175 11.82 -7.09 -0.14
N GLU A 176 12.30 -8.01 0.70
CA GLU A 176 11.52 -9.18 1.08
C GLU A 176 11.21 -9.15 2.59
N PHE A 177 10.02 -9.66 2.92
CA PHE A 177 9.51 -9.71 4.30
C PHE A 177 8.97 -11.12 4.58
N ASP B 25 -9.63 -29.11 35.07
CA ASP B 25 -9.55 -28.90 33.59
C ASP B 25 -10.55 -27.86 33.07
N VAL B 26 -11.68 -27.70 33.75
CA VAL B 26 -12.62 -26.59 33.47
C VAL B 26 -11.95 -25.24 33.78
N ALA B 27 -11.21 -25.19 34.90
CA ALA B 27 -10.45 -23.99 35.28
C ALA B 27 -9.38 -23.61 34.26
N SER B 28 -8.65 -24.62 33.78
CA SER B 28 -7.61 -24.42 32.78
C SER B 28 -8.19 -23.94 31.44
N LEU B 29 -9.27 -24.57 30.99
CA LEU B 29 -9.95 -24.14 29.74
C LEU B 29 -10.47 -22.71 29.86
N ARG B 30 -10.98 -22.34 31.04
CA ARG B 30 -11.44 -20.98 31.31
C ARG B 30 -10.31 -19.94 31.13
N GLN B 31 -9.14 -20.27 31.67
CA GLN B 31 -7.94 -19.43 31.54
C GLN B 31 -7.54 -19.24 30.07
N GLN B 32 -7.58 -20.33 29.32
CA GLN B 32 -7.24 -20.30 27.88
C GLN B 32 -8.23 -19.48 27.07
N VAL B 33 -9.52 -19.57 27.40
CA VAL B 33 -10.56 -18.79 26.71
C VAL B 33 -10.39 -17.29 26.97
N GLU B 34 -10.09 -16.93 28.22
CA GLU B 34 -9.83 -15.54 28.61
C GLU B 34 -8.60 -14.93 27.89
N ALA B 35 -7.53 -15.72 27.77
CA ALA B 35 -6.34 -15.28 27.01
C ALA B 35 -6.68 -15.03 25.53
N LEU B 36 -7.40 -15.97 24.92
CA LEU B 36 -7.86 -15.82 23.53
C LEU B 36 -8.74 -14.58 23.31
N GLN B 37 -9.65 -14.30 24.25
CA GLN B 37 -10.47 -13.09 24.14
C GLN B 37 -9.60 -11.81 24.09
N GLY B 38 -8.58 -11.77 24.94
CA GLY B 38 -7.64 -10.64 24.96
C GLY B 38 -6.85 -10.49 23.68
N GLN B 39 -6.39 -11.62 23.15
CA GLN B 39 -5.58 -11.64 21.91
C GLN B 39 -6.40 -11.22 20.68
N VAL B 40 -7.65 -11.65 20.63
CA VAL B 40 -8.56 -11.32 19.52
C VAL B 40 -8.93 -9.84 19.59
N GLN B 41 -9.23 -9.33 20.79
CA GLN B 41 -9.48 -7.91 20.98
C GLN B 41 -8.31 -7.03 20.50
N HIS B 42 -7.09 -7.42 20.87
CA HIS B 42 -5.88 -6.73 20.43
C HIS B 42 -5.76 -6.68 18.89
N LEU B 43 -5.94 -7.82 18.24
CA LEU B 43 -5.84 -7.89 16.77
C LEU B 43 -6.91 -7.04 16.09
N GLN B 44 -8.15 -7.08 16.62
CA GLN B 44 -9.23 -6.28 16.06
C GLN B 44 -8.91 -4.78 16.11
N ALA B 45 -8.41 -4.32 17.24
CA ALA B 45 -8.10 -2.88 17.43
C ALA B 45 -6.91 -2.43 16.57
N ALA B 46 -5.85 -3.24 16.54
CA ALA B 46 -4.65 -2.92 15.74
C ALA B 46 -4.96 -2.91 14.26
N PHE B 47 -5.71 -3.92 13.81
CA PHE B 47 -6.08 -4.03 12.40
C PHE B 47 -7.04 -2.90 11.95
N SER B 48 -7.95 -2.47 12.83
CA SER B 48 -8.85 -1.35 12.52
C SER B 48 -8.08 -0.08 12.09
N GLN B 49 -7.01 0.23 12.80
CA GLN B 49 -6.12 1.35 12.46
C GLN B 49 -5.46 1.14 11.10
N TYR B 50 -4.90 -0.05 10.88
CA TYR B 50 -4.20 -0.35 9.62
C TYR B 50 -5.11 -0.33 8.37
N LYS B 51 -6.40 -0.65 8.53
CA LYS B 51 -7.32 -0.55 7.39
C LYS B 51 -7.35 0.88 6.82
N LYS B 52 -7.41 1.87 7.70
CA LYS B 52 -7.43 3.28 7.27
C LYS B 52 -6.11 3.70 6.63
N VAL B 53 -5.00 3.28 7.24
CA VAL B 53 -3.65 3.58 6.74
C VAL B 53 -3.47 3.01 5.31
N GLU B 54 -3.84 1.74 5.13
CA GLU B 54 -3.64 1.05 3.86
C GLU B 54 -4.40 1.68 2.69
N LEU B 55 -5.65 2.05 2.92
CA LEU B 55 -6.48 2.60 1.83
C LEU B 55 -6.13 4.06 1.47
N PHE B 56 -5.32 4.74 2.28
CA PHE B 56 -4.86 6.09 1.93
C PHE B 56 -3.60 6.00 1.04
N PRO B 57 -3.53 6.59 -0.16
CA PRO B 57 -4.56 7.40 -0.82
C PRO B 57 -5.21 6.74 -2.03
N ASN B 58 -4.94 5.44 -2.27
CA ASN B 58 -5.32 4.80 -3.54
C ASN B 58 -6.45 3.76 -3.44
N GLY B 59 -7.09 3.66 -2.28
CA GLY B 59 -8.20 2.70 -2.07
C GLY B 59 -9.49 3.33 -1.58
N GLN B 60 -10.59 2.59 -1.74
CA GLN B 60 -11.91 3.03 -1.32
C GLN B 60 -12.75 1.80 -0.96
N SER B 61 -13.23 1.76 0.28
N SER B 61 -13.19 1.72 0.29
CA SER B 61 -14.09 0.68 0.76
CA SER B 61 -14.11 0.66 0.68
C SER B 61 -15.59 1.07 0.71
C SER B 61 -15.55 1.13 0.47
N VAL B 62 -16.42 0.15 0.22
CA VAL B 62 -17.87 0.37 0.13
C VAL B 62 -18.56 -0.97 0.38
N GLY B 63 -19.31 -1.08 1.49
CA GLY B 63 -19.87 -2.37 1.91
C GLY B 63 -18.75 -3.38 2.11
N GLU B 64 -18.87 -4.54 1.46
CA GLU B 64 -17.87 -5.62 1.54
CA GLU B 64 -17.86 -5.61 1.56
C GLU B 64 -16.83 -5.58 0.41
N LYS B 65 -16.90 -4.58 -0.46
CA LYS B 65 -16.02 -4.44 -1.63
C LYS B 65 -14.93 -3.39 -1.39
N ILE B 66 -13.74 -3.60 -1.95
CA ILE B 66 -12.67 -2.61 -1.91
C ILE B 66 -12.18 -2.36 -3.34
N PHE B 67 -12.22 -1.09 -3.77
CA PHE B 67 -11.55 -0.64 -5.00
C PHE B 67 -10.12 -0.17 -4.71
N LYS B 68 -9.16 -0.52 -5.56
CA LYS B 68 -7.75 -0.05 -5.43
C LYS B 68 -7.21 0.31 -6.80
N THR B 69 -6.74 1.56 -6.96
CA THR B 69 -6.09 1.97 -8.23
C THR B 69 -4.57 1.70 -8.23
N ALA B 70 -4.06 1.32 -9.40
CA ALA B 70 -2.61 1.21 -9.64
C ALA B 70 -1.94 2.58 -9.83
N GLY B 71 -2.73 3.61 -10.13
CA GLY B 71 -2.23 4.96 -10.34
C GLY B 71 -1.64 5.22 -11.72
N PHE B 72 -1.79 4.30 -12.66
CA PHE B 72 -1.35 4.51 -14.05
C PHE B 72 -2.40 4.00 -15.03
N VAL B 73 -2.20 4.30 -16.32
CA VAL B 73 -3.14 3.92 -17.40
C VAL B 73 -2.60 2.75 -18.23
N LYS B 74 -3.49 1.87 -18.69
CA LYS B 74 -3.17 0.79 -19.63
C LYS B 74 -4.34 0.53 -20.58
N PRO B 75 -4.08 -0.13 -21.73
CA PRO B 75 -5.17 -0.66 -22.54
C PRO B 75 -5.94 -1.76 -21.81
N PHE B 76 -7.16 -2.03 -22.25
CA PHE B 76 -8.05 -2.95 -21.54
C PHE B 76 -7.45 -4.33 -21.26
N THR B 77 -6.89 -4.97 -22.29
CA THR B 77 -6.39 -6.33 -22.15
C THR B 77 -5.34 -6.43 -21.02
N GLU B 78 -4.44 -5.48 -20.99
CA GLU B 78 -3.38 -5.44 -19.99
C GLU B 78 -3.92 -5.09 -18.61
N ALA B 79 -4.88 -4.18 -18.55
CA ALA B 79 -5.56 -3.84 -17.28
C ALA B 79 -6.26 -5.05 -16.66
N GLN B 80 -7.00 -5.78 -17.49
CA GLN B 80 -7.72 -7.00 -17.09
C GLN B 80 -6.76 -8.05 -16.51
N LEU B 81 -5.65 -8.28 -17.21
CA LEU B 81 -4.64 -9.24 -16.75
C LEU B 81 -3.99 -8.83 -15.41
N LEU B 82 -3.67 -7.55 -15.23
CA LEU B 82 -3.12 -7.09 -13.95
C LEU B 82 -4.08 -7.40 -12.78
N CYS B 83 -5.37 -7.13 -12.95
CA CYS B 83 -6.34 -7.37 -11.87
C CYS B 83 -6.48 -8.87 -11.57
N THR B 84 -6.54 -9.69 -12.61
CA THR B 84 -6.76 -11.13 -12.43
C THR B 84 -5.55 -11.80 -11.77
N GLN B 85 -4.35 -11.40 -12.17
CA GLN B 85 -3.11 -11.91 -11.56
C GLN B 85 -2.95 -11.48 -10.09
N ALA B 86 -3.53 -10.34 -9.73
CA ALA B 86 -3.56 -9.88 -8.34
C ALA B 86 -4.63 -10.55 -7.49
N GLY B 87 -5.44 -11.43 -8.08
CA GLY B 87 -6.50 -12.14 -7.38
C GLY B 87 -7.83 -11.43 -7.30
N GLY B 88 -8.05 -10.42 -8.17
CA GLY B 88 -9.31 -9.68 -8.20
C GLY B 88 -9.83 -9.59 -9.63
N GLN B 89 -10.52 -8.50 -9.93
CA GLN B 89 -11.01 -8.24 -11.28
C GLN B 89 -11.12 -6.73 -11.51
N LEU B 90 -11.33 -6.33 -12.75
CA LEU B 90 -11.52 -4.91 -13.04
C LEU B 90 -12.77 -4.39 -12.31
N ALA B 91 -12.74 -3.12 -11.94
CA ALA B 91 -13.87 -2.49 -11.23
C ALA B 91 -15.21 -2.79 -11.87
N SER B 92 -16.18 -3.25 -11.06
CA SER B 92 -17.48 -3.73 -11.55
C SER B 92 -18.61 -3.22 -10.63
N PRO B 93 -18.93 -1.91 -10.68
CA PRO B 93 -19.98 -1.40 -9.77
C PRO B 93 -21.35 -2.00 -10.02
N ARG B 94 -21.97 -2.51 -8.96
CA ARG B 94 -23.24 -3.24 -9.04
C ARG B 94 -24.39 -2.49 -8.39
N SER B 95 -24.14 -1.24 -7.99
CA SER B 95 -25.14 -0.38 -7.35
C SER B 95 -24.67 1.07 -7.46
N ALA B 96 -25.61 2.00 -7.25
CA ALA B 96 -25.27 3.45 -7.24
C ALA B 96 -24.26 3.83 -6.16
N ALA B 97 -24.34 3.19 -5.00
CA ALA B 97 -23.38 3.39 -3.93
C ALA B 97 -21.96 2.94 -4.32
N GLU B 98 -21.84 1.76 -4.92
CA GLU B 98 -20.51 1.30 -5.40
C GLU B 98 -19.98 2.25 -6.47
N ASN B 99 -20.86 2.68 -7.39
CA ASN B 99 -20.45 3.60 -8.44
C ASN B 99 -19.93 4.94 -7.91
N ALA B 100 -20.61 5.50 -6.91
CA ALA B 100 -20.18 6.77 -6.28
C ALA B 100 -18.84 6.63 -5.54
N ALA B 101 -18.59 5.46 -4.93
CA ALA B 101 -17.31 5.22 -4.28
C ALA B 101 -16.19 5.12 -5.31
N LEU B 102 -16.44 4.43 -6.42
CA LEU B 102 -15.46 4.35 -7.50
C LEU B 102 -15.18 5.75 -8.07
N GLN B 103 -16.24 6.54 -8.23
CA GLN B 103 -16.10 7.92 -8.74
C GLN B 103 -15.16 8.77 -7.89
N GLN B 104 -15.21 8.56 -6.57
CA GLN B 104 -14.31 9.28 -5.65
C GLN B 104 -12.85 9.07 -5.99
N LEU B 105 -12.45 7.83 -6.30
CA LEU B 105 -11.08 7.54 -6.74
C LEU B 105 -10.72 8.16 -8.08
N VAL B 106 -11.64 8.02 -9.04
CA VAL B 106 -11.44 8.54 -10.39
C VAL B 106 -11.29 10.06 -10.37
N VAL B 107 -12.13 10.74 -9.59
CA VAL B 107 -12.04 12.23 -9.39
C VAL B 107 -10.67 12.62 -8.81
N ALA B 108 -10.26 11.93 -7.75
CA ALA B 108 -8.99 12.21 -7.07
C ALA B 108 -7.78 12.04 -8.00
N LYS B 109 -7.80 11.05 -8.89
CA LYS B 109 -6.71 10.86 -9.86
C LYS B 109 -6.87 11.68 -11.14
N ASN B 110 -8.05 12.26 -11.34
CA ASN B 110 -8.41 13.01 -12.55
C ASN B 110 -8.16 12.27 -13.87
N GLU B 111 -8.51 10.97 -13.90
CA GLU B 111 -8.31 10.11 -15.05
C GLU B 111 -9.48 9.12 -15.14
N ALA B 112 -10.23 9.11 -16.24
CA ALA B 112 -11.24 8.06 -16.49
C ALA B 112 -10.64 6.66 -16.46
N ALA B 113 -11.44 5.68 -16.01
CA ALA B 113 -11.00 4.31 -15.77
C ALA B 113 -11.82 3.28 -16.53
N PHE B 114 -11.20 2.17 -16.94
CA PHE B 114 -11.94 1.02 -17.45
C PHE B 114 -12.76 0.28 -16.37
N LEU B 115 -13.95 -0.17 -16.77
CA LEU B 115 -14.73 -1.15 -16.01
C LEU B 115 -14.49 -2.56 -16.59
N SER B 116 -15.05 -3.57 -15.94
CA SER B 116 -14.84 -4.97 -16.36
C SER B 116 -15.66 -5.42 -17.58
N MET B 117 -16.76 -4.73 -17.86
CA MET B 117 -17.79 -5.26 -18.74
C MET B 117 -17.53 -4.93 -20.21
N THR B 118 -17.89 -5.86 -21.09
CA THR B 118 -17.70 -5.71 -22.55
C THR B 118 -18.90 -6.26 -23.32
N ASP B 119 -19.05 -5.84 -24.59
CA ASP B 119 -20.08 -6.40 -25.49
C ASP B 119 -19.44 -7.06 -26.71
N SER B 120 -18.35 -7.78 -26.47
CA SER B 120 -17.58 -8.43 -27.54
C SER B 120 -18.33 -9.60 -28.18
N LYS B 121 -18.98 -10.42 -27.35
CA LYS B 121 -19.79 -11.52 -27.86
C LYS B 121 -20.96 -11.01 -28.70
N THR B 122 -21.83 -10.20 -28.09
CA THR B 122 -23.06 -9.72 -28.73
C THR B 122 -23.16 -8.19 -28.64
N GLU B 123 -22.94 -7.52 -29.79
CA GLU B 123 -23.01 -6.06 -29.89
C GLU B 123 -24.27 -5.49 -29.22
N GLY B 124 -24.09 -4.50 -28.34
CA GLY B 124 -25.19 -3.91 -27.56
C GLY B 124 -25.51 -4.58 -26.22
N LYS B 125 -25.13 -5.85 -26.08
CA LYS B 125 -25.34 -6.61 -24.86
C LYS B 125 -24.04 -6.63 -24.05
N PHE B 126 -23.92 -5.71 -23.11
CA PHE B 126 -22.76 -5.68 -22.21
C PHE B 126 -22.92 -6.70 -21.09
N THR B 127 -21.86 -7.42 -20.78
CA THR B 127 -21.87 -8.43 -19.72
C THR B 127 -20.62 -8.34 -18.84
N TYR B 128 -20.74 -8.86 -17.61
CA TYR B 128 -19.59 -9.07 -16.72
C TYR B 128 -18.68 -10.18 -17.29
N PRO B 129 -17.44 -10.32 -16.77
CA PRO B 129 -16.54 -11.40 -17.27
C PRO B 129 -17.12 -12.82 -17.16
N THR B 130 -18.04 -13.03 -16.22
CA THR B 130 -18.76 -14.30 -16.07
C THR B 130 -19.79 -14.57 -17.16
N GLY B 131 -20.16 -13.55 -17.94
CA GLY B 131 -21.24 -13.64 -18.91
C GLY B 131 -22.60 -13.20 -18.39
N GLU B 132 -22.71 -12.94 -17.09
CA GLU B 132 -23.95 -12.41 -16.49
C GLU B 132 -24.25 -11.00 -17.07
N SER B 133 -25.53 -10.71 -17.30
CA SER B 133 -25.95 -9.39 -17.79
C SER B 133 -26.04 -8.40 -16.64
N LEU B 134 -26.00 -7.11 -16.97
CA LEU B 134 -25.80 -6.04 -15.99
C LEU B 134 -26.95 -5.94 -15.00
N VAL B 135 -26.63 -5.76 -13.72
CA VAL B 135 -27.63 -5.49 -12.68
C VAL B 135 -27.71 -3.99 -12.35
N TYR B 136 -26.81 -3.20 -12.92
CA TYR B 136 -26.76 -1.75 -12.70
C TYR B 136 -26.03 -1.13 -13.89
N SER B 137 -26.46 0.07 -14.28
CA SER B 137 -25.68 0.91 -15.21
C SER B 137 -25.87 2.39 -14.93
N ASN B 138 -24.94 3.21 -15.42
CA ASN B 138 -25.00 4.68 -15.29
C ASN B 138 -24.54 5.38 -16.57
N TRP B 139 -25.14 4.99 -17.70
CA TRP B 139 -24.75 5.53 -19.00
C TRP B 139 -25.00 7.03 -19.14
N ALA B 140 -24.00 7.75 -19.63
CA ALA B 140 -24.16 9.12 -20.10
C ALA B 140 -25.29 9.16 -21.16
N PRO B 141 -25.97 10.31 -21.28
CA PRO B 141 -27.04 10.41 -22.30
C PRO B 141 -26.54 10.02 -23.69
N GLY B 142 -27.30 9.17 -24.38
CA GLY B 142 -26.95 8.70 -25.72
C GLY B 142 -25.99 7.52 -25.81
N GLU B 143 -25.44 7.09 -24.67
CA GLU B 143 -24.50 5.96 -24.61
C GLU B 143 -25.22 4.69 -24.18
N PRO B 144 -24.74 3.52 -24.62
CA PRO B 144 -23.60 3.34 -25.55
C PRO B 144 -23.98 3.71 -26.99
N ASN B 145 -23.03 4.30 -27.72
CA ASN B 145 -23.25 4.77 -29.12
C ASN B 145 -22.38 4.06 -30.19
N ASP B 146 -21.52 3.13 -29.77
CA ASP B 146 -20.60 2.42 -30.69
C ASP B 146 -19.94 3.38 -31.73
N ASP B 147 -19.39 4.50 -31.25
CA ASP B 147 -18.81 5.52 -32.10
C ASP B 147 -17.65 4.96 -32.92
N GLY B 148 -17.75 5.06 -34.24
CA GLY B 148 -16.76 4.45 -35.14
C GLY B 148 -16.91 2.95 -35.38
N GLY B 149 -17.96 2.34 -34.81
CA GLY B 149 -18.23 0.90 -34.95
C GLY B 149 -17.41 -0.10 -34.16
N SER B 150 -16.51 0.33 -33.28
CA SER B 150 -15.70 -0.62 -32.51
C SER B 150 -15.45 -0.18 -31.06
N GLU B 151 -16.52 0.19 -30.36
CA GLU B 151 -16.42 0.50 -28.91
C GLU B 151 -17.01 -0.61 -28.08
N ASP B 152 -16.17 -1.57 -27.70
CA ASP B 152 -16.63 -2.79 -27.02
C ASP B 152 -16.29 -2.87 -25.52
N CYS B 153 -15.60 -1.86 -25.00
CA CYS B 153 -15.26 -1.74 -23.56
C CYS B 153 -16.01 -0.56 -22.96
N VAL B 154 -15.89 -0.36 -21.64
CA VAL B 154 -16.66 0.68 -20.92
C VAL B 154 -15.71 1.47 -20.01
N GLU B 155 -15.83 2.79 -20.04
CA GLU B 155 -15.11 3.67 -19.12
C GLU B 155 -16.09 4.43 -18.21
N ILE B 156 -15.58 4.83 -17.04
CA ILE B 156 -16.28 5.72 -16.13
C ILE B 156 -15.52 7.06 -16.13
N PHE B 157 -16.25 8.14 -16.42
CA PHE B 157 -15.71 9.52 -16.40
C PHE B 157 -15.57 10.04 -14.97
N THR B 158 -14.93 11.21 -14.81
CA THR B 158 -14.83 11.85 -13.49
C THR B 158 -16.16 12.31 -12.90
N ASN B 159 -17.20 12.48 -13.72
CA ASN B 159 -18.56 12.76 -13.25
C ASN B 159 -19.36 11.50 -12.87
N GLY B 160 -18.72 10.33 -12.94
CA GLY B 160 -19.35 9.07 -12.60
C GLY B 160 -20.15 8.39 -13.69
N LYS B 161 -20.34 9.05 -14.84
CA LYS B 161 -21.15 8.49 -15.93
C LYS B 161 -20.31 7.53 -16.79
N TRP B 162 -21.01 6.63 -17.47
CA TRP B 162 -20.38 5.56 -18.25
C TRP B 162 -20.46 5.82 -19.75
N ASN B 163 -19.43 5.36 -20.46
CA ASN B 163 -19.31 5.53 -21.91
C ASN B 163 -18.66 4.28 -22.53
N ASP B 164 -19.23 3.75 -23.62
CA ASP B 164 -18.53 2.71 -24.39
C ASP B 164 -17.34 3.34 -25.13
N ARG B 165 -16.23 2.60 -25.16
CA ARG B 165 -14.93 3.11 -25.58
C ARG B 165 -14.13 1.98 -26.20
N ALA B 166 -13.34 2.29 -27.24
CA ALA B 166 -12.46 1.31 -27.85
C ALA B 166 -11.49 0.67 -26.82
N CYS B 167 -11.38 -0.64 -26.85
CA CYS B 167 -10.58 -1.38 -25.86
C CYS B 167 -9.06 -1.11 -25.96
N GLY B 168 -8.61 -0.66 -27.13
CA GLY B 168 -7.19 -0.32 -27.33
C GLY B 168 -6.68 0.99 -26.74
N GLU B 169 -7.60 1.87 -26.34
N GLU B 169 -7.60 1.88 -26.33
CA GLU B 169 -7.27 3.13 -25.70
CA GLU B 169 -7.25 3.13 -25.69
C GLU B 169 -6.76 2.86 -24.28
C GLU B 169 -6.76 2.86 -24.28
N LYS B 170 -5.99 3.79 -23.73
CA LYS B 170 -5.42 3.66 -22.38
C LYS B 170 -6.27 4.40 -21.36
N ARG B 171 -6.63 3.73 -20.26
CA ARG B 171 -7.37 4.34 -19.16
C ARG B 171 -6.83 3.88 -17.80
N LEU B 172 -7.21 4.59 -16.74
CA LEU B 172 -6.76 4.31 -15.36
C LEU B 172 -7.11 2.89 -14.97
N VAL B 173 -6.14 2.18 -14.37
CA VAL B 173 -6.35 0.81 -13.92
C VAL B 173 -6.88 0.84 -12.46
N VAL B 174 -8.10 0.33 -12.27
CA VAL B 174 -8.74 0.21 -10.96
C VAL B 174 -9.29 -1.20 -10.83
N CYS B 175 -8.83 -1.92 -9.81
CA CYS B 175 -9.27 -3.28 -9.53
C CYS B 175 -10.24 -3.31 -8.33
N GLU B 176 -11.05 -4.37 -8.25
CA GLU B 176 -11.89 -4.62 -7.08
C GLU B 176 -11.50 -5.95 -6.44
N PHE B 177 -11.57 -5.95 -5.10
CA PHE B 177 -11.22 -7.08 -4.25
C PHE B 177 -12.31 -7.30 -3.20
N ASP C 25 -17.92 -33.38 25.94
CA ASP C 25 -18.43 -32.11 26.57
C ASP C 25 -17.29 -31.16 26.96
N VAL C 26 -16.48 -31.56 27.95
CA VAL C 26 -15.17 -30.94 28.19
C VAL C 26 -14.20 -31.35 27.07
N ALA C 27 -14.29 -32.60 26.63
CA ALA C 27 -13.54 -33.08 25.46
C ALA C 27 -13.85 -32.25 24.21
N SER C 28 -15.13 -31.92 24.05
CA SER C 28 -15.61 -31.08 22.94
C SER C 28 -15.01 -29.66 23.00
N LEU C 29 -15.08 -29.04 24.17
CA LEU C 29 -14.51 -27.69 24.37
C LEU C 29 -13.00 -27.66 24.09
N ARG C 30 -12.28 -28.69 24.53
CA ARG C 30 -10.84 -28.78 24.30
C ARG C 30 -10.50 -28.79 22.80
N GLN C 31 -11.26 -29.52 21.99
CA GLN C 31 -11.04 -29.54 20.53
C GLN C 31 -11.31 -28.17 19.89
N GLN C 32 -12.33 -27.47 20.38
CA GLN C 32 -12.67 -26.14 19.84
C GLN C 32 -11.60 -25.10 20.22
N VAL C 33 -11.08 -25.18 21.46
CA VAL C 33 -10.07 -24.23 21.94
C VAL C 33 -8.73 -24.45 21.23
N GLU C 34 -8.38 -25.72 21.02
CA GLU C 34 -7.15 -26.07 20.32
C GLU C 34 -7.13 -25.52 18.88
N ALA C 35 -8.25 -25.64 18.17
CA ALA C 35 -8.39 -25.10 16.81
C ALA C 35 -8.23 -23.57 16.84
N LEU C 36 -8.92 -22.93 17.76
CA LEU C 36 -8.86 -21.46 17.91
C LEU C 36 -7.45 -20.96 18.21
N GLN C 37 -6.72 -21.67 19.08
CA GLN C 37 -5.33 -21.32 19.37
C GLN C 37 -4.44 -21.35 18.12
N GLY C 38 -4.59 -22.37 17.28
CA GLY C 38 -3.90 -22.44 15.99
C GLY C 38 -4.20 -21.27 15.06
N GLN C 39 -5.48 -20.91 14.97
CA GLN C 39 -5.95 -19.82 14.11
C GLN C 39 -5.40 -18.44 14.57
N VAL C 40 -5.46 -18.18 15.88
CA VAL C 40 -4.97 -16.92 16.43
C VAL C 40 -3.44 -16.82 16.33
N GLN C 41 -2.72 -17.90 16.62
CA GLN C 41 -1.25 -17.88 16.49
C GLN C 41 -0.84 -17.58 15.04
N HIS C 42 -1.53 -18.18 14.06
CA HIS C 42 -1.26 -17.86 12.64
C HIS C 42 -1.55 -16.38 12.34
N LEU C 43 -2.69 -15.86 12.80
CA LEU C 43 -3.04 -14.45 12.55
C LEU C 43 -2.04 -13.47 13.16
N GLN C 44 -1.52 -13.77 14.35
CA GLN C 44 -0.52 -12.89 14.97
C GLN C 44 0.73 -12.79 14.11
N ALA C 45 1.20 -13.92 13.60
CA ALA C 45 2.41 -13.93 12.74
C ALA C 45 2.14 -13.22 11.40
N ALA C 46 0.99 -13.53 10.81
CA ALA C 46 0.64 -12.94 9.51
C ALA C 46 0.43 -11.44 9.61
N PHE C 47 -0.26 -11.01 10.67
CA PHE C 47 -0.51 -9.56 10.86
C PHE C 47 0.80 -8.80 11.10
N SER C 48 1.69 -9.34 11.94
CA SER C 48 2.97 -8.67 12.21
C SER C 48 3.82 -8.49 10.94
N GLN C 49 3.86 -9.51 10.08
CA GLN C 49 4.56 -9.42 8.78
C GLN C 49 3.91 -8.36 7.89
N TYR C 50 2.58 -8.39 7.85
CA TYR C 50 1.79 -7.44 7.04
C TYR C 50 2.06 -5.96 7.44
N LYS C 51 2.20 -5.67 8.75
CA LYS C 51 2.49 -4.29 9.20
C LYS C 51 3.76 -3.76 8.54
N LYS C 52 4.79 -4.59 8.50
CA LYS C 52 6.09 -4.19 7.92
C LYS C 52 5.93 -3.90 6.41
N VAL C 53 5.17 -4.76 5.74
CA VAL C 53 4.90 -4.61 4.28
C VAL C 53 4.17 -3.28 4.03
N GLU C 54 3.09 -3.01 4.79
CA GLU C 54 2.31 -1.77 4.62
C GLU C 54 3.16 -0.51 4.83
N LEU C 55 3.97 -0.49 5.89
CA LEU C 55 4.73 0.73 6.22
C LEU C 55 5.87 1.03 5.22
N PHE C 56 6.31 0.03 4.46
CA PHE C 56 7.39 0.21 3.46
C PHE C 56 6.83 0.67 2.10
N PRO C 57 7.25 1.81 1.52
CA PRO C 57 8.23 2.75 2.04
C PRO C 57 7.64 4.09 2.57
N ASN C 58 6.32 4.21 2.65
CA ASN C 58 5.66 5.50 2.86
C ASN C 58 5.08 5.75 4.25
N GLY C 59 5.30 4.83 5.18
CA GLY C 59 4.77 4.94 6.55
C GLY C 59 5.81 4.95 7.66
N GLN C 60 5.45 5.53 8.80
CA GLN C 60 6.28 5.51 10.03
C GLN C 60 5.35 5.39 11.24
N SER C 61 5.64 4.42 12.11
CA SER C 61 4.87 4.19 13.35
C SER C 61 5.66 4.76 14.53
N VAL C 62 4.98 5.49 15.42
CA VAL C 62 5.63 6.08 16.62
C VAL C 62 4.62 6.07 17.76
N GLY C 63 4.89 5.24 18.77
CA GLY C 63 3.91 4.99 19.82
C GLY C 63 2.66 4.42 19.18
N GLU C 64 1.51 5.01 19.48
CA GLU C 64 0.23 4.58 18.89
C GLU C 64 -0.21 5.40 17.65
N LYS C 65 0.69 6.24 17.14
CA LYS C 65 0.41 7.08 15.97
C LYS C 65 1.12 6.50 14.75
N ILE C 66 0.46 6.56 13.60
CA ILE C 66 1.08 6.22 12.31
C ILE C 66 0.98 7.41 11.36
N PHE C 67 2.14 7.86 10.85
CA PHE C 67 2.22 8.80 9.74
C PHE C 67 2.32 8.06 8.40
N LYS C 68 1.60 8.53 7.38
CA LYS C 68 1.75 7.99 6.03
C LYS C 68 1.69 9.12 4.99
N THR C 69 2.65 9.13 4.08
CA THR C 69 2.64 10.09 2.98
C THR C 69 1.90 9.52 1.76
N ALA C 70 1.17 10.40 1.08
CA ALA C 70 0.58 10.11 -0.25
C ALA C 70 1.62 10.03 -1.35
N GLY C 71 2.81 10.58 -1.12
CA GLY C 71 3.89 10.59 -2.10
C GLY C 71 3.72 11.60 -3.23
N PHE C 72 2.82 12.58 -3.06
CA PHE C 72 2.65 13.71 -3.99
C PHE C 72 2.40 15.00 -3.21
N VAL C 73 2.43 16.14 -3.92
CA VAL C 73 2.23 17.47 -3.33
C VAL C 73 0.86 18.04 -3.67
N LYS C 74 0.30 18.82 -2.75
CA LYS C 74 -0.97 19.53 -2.92
C LYS C 74 -0.96 20.85 -2.13
N PRO C 75 -1.80 21.82 -2.53
CA PRO C 75 -2.05 22.97 -1.64
C PRO C 75 -2.76 22.53 -0.35
N PHE C 76 -2.67 23.37 0.69
CA PHE C 76 -3.16 23.02 2.02
C PHE C 76 -4.61 22.52 2.07
N THR C 77 -5.56 23.25 1.48
CA THR C 77 -6.98 22.90 1.62
C THR C 77 -7.29 21.52 1.02
N GLU C 78 -6.68 21.20 -0.12
CA GLU C 78 -6.79 19.88 -0.75
C GLU C 78 -6.12 18.77 0.08
N ALA C 79 -4.93 19.07 0.62
CA ALA C 79 -4.25 18.14 1.55
C ALA C 79 -5.09 17.80 2.77
N GLN C 80 -5.66 18.83 3.40
CA GLN C 80 -6.50 18.68 4.59
C GLN C 80 -7.72 17.80 4.30
N LEU C 81 -8.32 18.01 3.12
CA LEU C 81 -9.51 17.25 2.70
C LEU C 81 -9.19 15.76 2.47
N LEU C 82 -8.07 15.48 1.81
CA LEU C 82 -7.64 14.10 1.57
C LEU C 82 -7.48 13.34 2.89
N CYS C 83 -6.82 13.93 3.89
CA CYS C 83 -6.66 13.29 5.21
C CYS C 83 -7.98 13.06 5.93
N THR C 84 -8.85 14.07 5.97
CA THR C 84 -10.17 13.94 6.62
C THR C 84 -11.04 12.84 5.98
N GLN C 85 -11.09 12.83 4.65
CA GLN C 85 -11.87 11.81 3.91
C GLN C 85 -11.34 10.38 4.11
N ALA C 86 -10.04 10.26 4.34
CA ALA C 86 -9.41 8.96 4.67
C ALA C 86 -9.60 8.51 6.12
N GLY C 87 -10.22 9.33 6.97
CA GLY C 87 -10.45 8.98 8.36
C GLY C 87 -9.35 9.37 9.32
N GLY C 88 -8.45 10.26 8.88
CA GLY C 88 -7.35 10.75 9.70
C GLY C 88 -7.33 12.26 9.75
N GLN C 89 -6.13 12.85 9.87
CA GLN C 89 -5.96 14.31 9.81
C GLN C 89 -4.54 14.62 9.34
N LEU C 90 -4.26 15.88 9.02
CA LEU C 90 -2.87 16.26 8.68
C LEU C 90 -1.91 15.98 9.86
N ALA C 91 -0.67 15.62 9.52
CA ALA C 91 0.39 15.37 10.50
C ALA C 91 0.48 16.48 11.54
N SER C 92 0.55 16.07 12.81
CA SER C 92 0.53 16.99 13.93
C SER C 92 1.46 16.48 15.06
N PRO C 93 2.78 16.64 14.88
CA PRO C 93 3.71 16.09 15.87
C PRO C 93 3.55 16.79 17.23
N ARG C 94 3.41 16.00 18.30
CA ARG C 94 3.19 16.47 19.67
C ARG C 94 4.38 16.24 20.61
N SER C 95 5.47 15.72 20.09
CA SER C 95 6.69 15.48 20.84
C SER C 95 7.89 15.40 19.91
N ALA C 96 9.08 15.48 20.49
CA ALA C 96 10.32 15.34 19.72
C ALA C 96 10.41 13.99 19.02
N ALA C 97 9.95 12.93 19.68
CA ALA C 97 9.93 11.59 19.12
C ALA C 97 9.01 11.49 17.89
N GLU C 98 7.81 12.08 17.99
CA GLU C 98 6.91 12.15 16.85
C GLU C 98 7.50 13.00 15.72
N ASN C 99 8.17 14.12 16.05
CA ASN C 99 8.73 14.98 15.01
C ASN C 99 9.84 14.27 14.24
N ALA C 100 10.70 13.56 14.97
CA ALA C 100 11.79 12.81 14.34
C ALA C 100 11.27 11.70 13.42
N ALA C 101 10.17 11.06 13.79
CA ALA C 101 9.55 10.03 12.90
C ALA C 101 9.01 10.65 11.61
N LEU C 102 8.32 11.79 11.73
CA LEU C 102 7.84 12.53 10.56
C LEU C 102 9.00 13.01 9.66
N GLN C 103 10.06 13.51 10.28
CA GLN C 103 11.24 13.96 9.54
C GLN C 103 11.83 12.83 8.67
N GLN C 104 11.74 11.58 9.11
CA GLN C 104 12.22 10.46 8.26
C GLN C 104 11.49 10.34 6.91
N LEU C 105 10.18 10.54 6.88
CA LEU C 105 9.43 10.54 5.60
C LEU C 105 9.77 11.74 4.73
N VAL C 106 9.94 12.91 5.36
CA VAL C 106 10.20 14.14 4.65
C VAL C 106 11.58 14.05 3.99
N VAL C 107 12.56 13.57 4.74
CA VAL C 107 13.91 13.34 4.24
C VAL C 107 13.89 12.35 3.07
N ALA C 108 13.16 11.25 3.24
CA ALA C 108 13.09 10.19 2.21
C ALA C 108 12.52 10.70 0.89
N LYS C 109 11.47 11.52 0.93
CA LYS C 109 10.91 12.09 -0.29
C LYS C 109 11.58 13.39 -0.74
N ASN C 110 12.47 13.93 0.08
CA ASN C 110 13.14 15.21 -0.17
C ASN C 110 12.16 16.35 -0.51
N GLU C 111 11.08 16.42 0.25
CA GLU C 111 10.02 17.40 0.02
C GLU C 111 9.44 17.81 1.36
N ALA C 112 9.48 19.11 1.66
CA ALA C 112 8.82 19.66 2.86
C ALA C 112 7.31 19.38 2.84
N ALA C 113 6.72 19.11 4.01
CA ALA C 113 5.31 18.71 4.14
C ALA C 113 4.48 19.65 5.01
N PHE C 114 3.19 19.81 4.69
CA PHE C 114 2.26 20.56 5.53
C PHE C 114 1.95 19.84 6.84
N LEU C 115 1.87 20.62 7.93
CA LEU C 115 1.33 20.16 9.21
C LEU C 115 -0.12 20.62 9.30
N SER C 116 -0.82 20.26 10.39
CA SER C 116 -2.25 20.56 10.53
C SER C 116 -2.57 21.99 11.00
N MET C 117 -1.58 22.69 11.55
CA MET C 117 -1.84 23.89 12.33
C MET C 117 -1.86 25.12 11.45
N THR C 118 -2.71 26.09 11.80
CA THR C 118 -2.89 27.32 11.02
C THR C 118 -3.03 28.54 11.93
N ASP C 119 -2.77 29.71 11.34
CA ASP C 119 -2.84 31.00 12.03
C ASP C 119 -4.30 31.39 12.15
N SER C 120 -4.81 31.38 13.38
CA SER C 120 -6.20 31.71 13.67
C SER C 120 -6.41 33.22 13.71
N LYS C 121 -7.30 33.70 12.85
CA LYS C 121 -7.61 35.13 12.80
C LYS C 121 -8.50 35.59 13.97
N THR C 122 -9.16 34.64 14.64
CA THR C 122 -9.87 34.92 15.89
C THR C 122 -8.93 34.92 17.11
N GLU C 123 -8.00 33.96 17.17
CA GLU C 123 -7.03 33.85 18.28
C GLU C 123 -5.75 34.69 18.09
N GLY C 124 -5.52 35.21 16.89
CA GLY C 124 -4.34 36.03 16.59
C GLY C 124 -2.99 35.32 16.62
N LYS C 125 -3.00 34.00 16.44
CA LYS C 125 -1.78 33.17 16.50
C LYS C 125 -2.02 31.75 15.98
N PHE C 126 -0.95 30.97 15.84
CA PHE C 126 -1.09 29.57 15.39
C PHE C 126 -1.80 28.73 16.42
N THR C 127 -2.72 27.87 15.94
CA THR C 127 -3.45 26.91 16.76
C THR C 127 -3.56 25.57 16.03
N TYR C 128 -3.88 24.52 16.78
CA TYR C 128 -4.29 23.24 16.19
C TYR C 128 -5.68 23.44 15.55
N PRO C 129 -6.15 22.49 14.72
CA PRO C 129 -7.49 22.63 14.10
C PRO C 129 -8.64 22.86 15.11
N THR C 130 -8.48 22.32 16.31
CA THR C 130 -9.41 22.51 17.43
C THR C 130 -9.49 23.94 18.00
N GLY C 131 -8.50 24.78 17.71
CA GLY C 131 -8.40 26.11 18.30
C GLY C 131 -7.50 26.20 19.53
N GLU C 132 -7.01 25.06 20.03
CA GLU C 132 -6.08 25.03 21.18
C GLU C 132 -4.69 25.56 20.79
N SER C 133 -4.01 26.18 21.77
CA SER C 133 -2.67 26.75 21.56
C SER C 133 -1.62 25.64 21.37
N LEU C 134 -0.60 25.91 20.55
CA LEU C 134 0.49 24.94 20.38
C LEU C 134 1.19 24.64 21.70
N VAL C 135 1.56 23.37 21.87
CA VAL C 135 2.34 22.91 23.00
C VAL C 135 3.75 22.62 22.47
N TYR C 136 4.05 21.41 21.98
CA TYR C 136 5.34 21.17 21.32
C TYR C 136 5.44 22.02 20.05
N SER C 137 6.60 22.61 19.79
CA SER C 137 6.94 23.17 18.48
C SER C 137 8.42 22.99 18.21
N ASN C 138 8.80 23.13 16.94
CA ASN C 138 10.20 23.04 16.53
C ASN C 138 10.50 24.09 15.47
N TRP C 139 10.17 25.34 15.77
CA TRP C 139 10.36 26.46 14.82
C TRP C 139 11.82 26.63 14.42
N ALA C 140 12.07 26.77 13.12
CA ALA C 140 13.40 27.12 12.61
C ALA C 140 13.77 28.50 13.16
N PRO C 141 15.07 28.79 13.30
CA PRO C 141 15.43 30.13 13.78
C PRO C 141 14.93 31.25 12.84
N GLY C 142 14.27 32.25 13.44
CA GLY C 142 13.66 33.35 12.71
C GLY C 142 12.23 33.11 12.27
N GLU C 143 11.64 31.97 12.63
CA GLU C 143 10.27 31.62 12.27
C GLU C 143 9.37 31.51 13.51
N PRO C 144 8.06 31.67 13.39
CA PRO C 144 7.36 32.11 12.17
C PRO C 144 7.58 33.60 11.86
N ASN C 145 7.73 33.95 10.58
CA ASN C 145 8.02 35.35 10.17
C ASN C 145 6.94 36.07 9.30
N ASP C 146 5.86 35.37 8.96
CA ASP C 146 4.77 35.90 8.09
C ASP C 146 5.33 36.66 6.88
N ASP C 147 6.25 36.02 6.16
CA ASP C 147 6.93 36.63 5.04
C ASP C 147 5.93 37.03 3.96
N GLY C 148 5.87 38.32 3.64
CA GLY C 148 4.90 38.83 2.66
C GLY C 148 3.49 39.03 3.20
N GLY C 149 3.27 38.75 4.49
CA GLY C 149 1.98 38.99 5.12
C GLY C 149 0.89 37.95 4.96
N SER C 150 1.16 36.83 4.27
CA SER C 150 0.13 35.80 4.09
C SER C 150 0.67 34.37 4.29
N GLU C 151 1.42 34.13 5.36
CA GLU C 151 1.90 32.75 5.66
C GLU C 151 1.10 32.17 6.83
N ASP C 152 -0.08 31.63 6.53
CA ASP C 152 -1.01 31.17 7.56
C ASP C 152 -1.03 29.63 7.81
N CYS C 153 -0.18 28.90 7.10
CA CYS C 153 -0.01 27.44 7.26
C CYS C 153 1.40 27.14 7.78
N VAL C 154 1.69 25.88 8.09
CA VAL C 154 2.98 25.48 8.66
C VAL C 154 3.52 24.27 7.88
N GLU C 155 4.81 24.29 7.54
CA GLU C 155 5.49 23.13 6.92
C GLU C 155 6.65 22.65 7.79
N ILE C 156 7.03 21.39 7.58
CA ILE C 156 8.22 20.82 8.22
C ILE C 156 9.27 20.59 7.13
N PHE C 157 10.47 21.12 7.36
CA PHE C 157 11.60 20.99 6.44
C PHE C 157 12.26 19.59 6.54
N THR C 158 13.11 19.27 5.58
CA THR C 158 13.90 18.03 5.63
C THR C 158 14.85 17.96 6.85
N ASN C 159 15.23 19.10 7.43
CA ASN C 159 15.94 19.10 8.72
C ASN C 159 15.04 18.96 9.98
N GLY C 160 13.73 18.80 9.82
CA GLY C 160 12.80 18.64 10.95
C GLY C 160 12.27 19.93 11.57
N LYS C 161 12.87 21.07 11.20
CA LYS C 161 12.42 22.37 11.72
C LYS C 161 11.19 22.89 11.01
N TRP C 162 10.41 23.74 11.70
CA TRP C 162 9.12 24.22 11.19
C TRP C 162 9.21 25.65 10.62
N ASN C 163 8.41 25.93 9.61
CA ASN C 163 8.36 27.25 8.94
C ASN C 163 6.92 27.59 8.59
N ASP C 164 6.48 28.82 8.86
CA ASP C 164 5.18 29.27 8.34
C ASP C 164 5.29 29.51 6.84
N ARG C 165 4.23 29.13 6.12
CA ARG C 165 4.25 29.05 4.66
C ARG C 165 2.87 29.37 4.12
N ALA C 166 2.79 30.00 2.94
CA ALA C 166 1.50 30.35 2.34
C ALA C 166 0.71 29.08 2.00
N CYS C 167 -0.58 29.09 2.35
CA CYS C 167 -1.44 27.90 2.23
C CYS C 167 -1.69 27.44 0.78
N GLY C 168 -1.58 28.37 -0.16
CA GLY C 168 -1.74 28.05 -1.58
C GLY C 168 -0.54 27.42 -2.26
N GLU C 169 0.61 27.36 -1.60
CA GLU C 169 1.77 26.65 -2.14
C GLU C 169 1.50 25.14 -2.04
N LYS C 170 2.13 24.38 -2.92
CA LYS C 170 2.04 22.90 -2.93
C LYS C 170 3.17 22.24 -2.13
N ARG C 171 2.80 21.42 -1.15
CA ARG C 171 3.76 20.72 -0.30
C ARG C 171 3.35 19.25 -0.12
N LEU C 172 4.27 18.44 0.37
CA LEU C 172 4.06 16.97 0.50
C LEU C 172 2.86 16.70 1.41
N VAL C 173 1.95 15.81 0.97
CA VAL C 173 0.78 15.42 1.75
C VAL C 173 1.16 14.25 2.70
N VAL C 174 1.05 14.49 4.01
CA VAL C 174 1.28 13.45 5.03
C VAL C 174 0.14 13.48 6.05
N CYS C 175 -0.52 12.34 6.25
CA CYS C 175 -1.62 12.22 7.21
C CYS C 175 -1.19 11.41 8.44
N GLU C 176 -1.91 11.57 9.55
CA GLU C 176 -1.71 10.74 10.74
C GLU C 176 -2.99 9.98 11.07
N PHE C 177 -2.79 8.74 11.53
CA PHE C 177 -3.84 7.79 11.86
C PHE C 177 -3.56 7.22 13.25
#